data_3CWQ
#
_entry.id   3CWQ
#
_cell.length_a   63.609
_cell.length_b   70.142
_cell.length_c   112.209
_cell.angle_alpha   90.00
_cell.angle_beta   90.00
_cell.angle_gamma   90.00
#
_symmetry.space_group_name_H-M   'P 21 21 21'
#
loop_
_entity.id
_entity.type
_entity.pdbx_description
1 polymer 'ParA family chromosome partitioning protein'
2 non-polymer "ADENOSINE-5'-DIPHOSPHATE"
3 water water
#
_entity_poly.entity_id   1
_entity_poly.type   'polypeptide(L)'
_entity_poly.pdbx_seq_one_letter_code
;(MSE)IITVASFKGGVGKTTTAVHLSAYLALQGETLLIDGDPNRSATGWGKRGSLPFKVVDERQAAKYAPKYQNIVIDTQ
ARPEDEDLEALADGCDLLVIPSTPDALALDAL(MSE)LTIETLQKLGNNRFRILLTIIPPYPSKDGDEARQLLTTAGLPL
FKRGIKRYSAFQKASLNGVVVSEVSDSKAGIAWSDYKATGKEIVEEILTLEHHHHHH
;
_entity_poly.pdbx_strand_id   A,B
#
# COMPACT_ATOMS: atom_id res chain seq x y z
N ILE A 2 4.10 13.72 -5.56
CA ILE A 2 3.86 12.28 -5.68
C ILE A 2 3.08 12.02 -6.94
N ILE A 3 3.57 11.12 -7.75
CA ILE A 3 2.73 10.57 -8.83
C ILE A 3 2.60 9.01 -8.74
N THR A 4 1.37 8.52 -8.93
CA THR A 4 1.12 7.09 -9.05
C THR A 4 1.05 6.68 -10.52
N VAL A 5 1.89 5.71 -10.95
CA VAL A 5 1.77 4.97 -12.23
C VAL A 5 0.94 3.68 -11.93
N ALA A 6 -0.29 3.55 -12.43
CA ALA A 6 -1.18 2.40 -12.20
C ALA A 6 -1.69 1.94 -13.51
N SER A 7 -1.76 0.61 -13.67
CA SER A 7 -2.16 0.04 -14.92
C SER A 7 -3.34 -0.92 -14.78
N PHE A 8 -3.93 -1.27 -15.89
CA PHE A 8 -4.93 -2.28 -15.81
C PHE A 8 -4.52 -3.62 -16.43
N LYS A 9 -3.22 -3.78 -16.70
CA LYS A 9 -2.72 -5.04 -17.22
C LYS A 9 -1.20 -5.14 -17.02
N GLY A 10 -0.70 -6.36 -16.96
CA GLY A 10 0.74 -6.52 -16.86
C GLY A 10 1.25 -6.35 -18.25
N GLY A 11 2.50 -5.95 -18.40
CA GLY A 11 3.16 -5.96 -19.69
C GLY A 11 2.93 -4.72 -20.52
N VAL A 12 2.58 -3.63 -19.83
CA VAL A 12 2.36 -2.35 -20.46
C VAL A 12 3.44 -1.34 -20.16
N GLY A 13 4.51 -1.68 -19.46
CA GLY A 13 5.63 -0.71 -19.21
C GLY A 13 5.38 0.20 -18.00
N LYS A 14 4.37 -0.11 -17.19
CA LYS A 14 4.16 0.55 -15.93
C LYS A 14 5.43 0.63 -15.08
N THR A 15 5.87 -0.46 -14.53
CA THR A 15 7.15 -0.42 -13.84
C THR A 15 8.23 0.43 -14.54
N THR A 16 8.45 0.23 -15.83
CA THR A 16 9.43 0.94 -16.67
C THR A 16 9.16 2.47 -16.68
N THR A 17 7.88 2.81 -16.75
CA THR A 17 7.56 4.21 -16.60
C THR A 17 7.79 4.72 -15.25
N ALA A 18 7.34 4.04 -14.22
CA ALA A 18 7.68 4.43 -12.84
C ALA A 18 9.21 4.66 -12.66
N VAL A 19 10.02 3.67 -13.04
CA VAL A 19 11.51 3.75 -12.89
C VAL A 19 12.03 5.00 -13.58
N HIS A 20 11.57 5.28 -14.79
CA HIS A 20 12.03 6.45 -15.56
C HIS A 20 11.45 7.82 -15.14
N LEU A 21 10.18 7.87 -14.77
CA LEU A 21 9.59 9.03 -14.09
C LEU A 21 10.32 9.24 -12.78
N SER A 22 10.83 8.23 -12.08
CA SER A 22 11.66 8.56 -10.93
C SER A 22 13.00 9.23 -11.25
N ALA A 23 13.68 8.79 -12.33
CA ALA A 23 14.94 9.32 -12.74
C ALA A 23 14.70 10.79 -13.07
N TYR A 24 13.66 11.09 -13.81
CA TYR A 24 13.23 12.50 -14.10
C TYR A 24 13.16 13.39 -12.86
N LEU A 25 12.37 12.96 -11.88
CA LEU A 25 12.16 13.67 -10.64
C LEU A 25 13.40 13.69 -9.74
N ALA A 26 14.30 12.70 -9.89
CA ALA A 26 15.57 12.71 -9.09
C ALA A 26 16.35 13.91 -9.51
N LEU A 27 16.24 14.26 -10.79
CA LEU A 27 16.70 15.57 -11.28
C LEU A 27 16.19 16.84 -10.50
N GLN A 28 15.03 16.83 -9.88
CA GLN A 28 14.60 18.03 -9.18
C GLN A 28 14.67 17.92 -7.63
N GLY A 29 14.24 16.81 -7.06
CA GLY A 29 14.52 16.50 -5.67
C GLY A 29 14.88 15.04 -5.38
N GLU A 30 15.17 14.75 -4.11
CA GLU A 30 15.40 13.40 -3.68
C GLU A 30 14.10 12.70 -3.71
N THR A 31 14.14 11.53 -4.31
CA THR A 31 12.97 10.83 -4.76
C THR A 31 12.98 9.40 -4.28
N LEU A 32 11.77 8.90 -3.92
CA LEU A 32 11.46 7.51 -3.58
C LEU A 32 10.50 6.93 -4.61
N LEU A 33 10.88 5.76 -5.14
CA LEU A 33 10.04 4.80 -5.80
C LEU A 33 9.63 3.72 -4.75
N ILE A 34 8.31 3.61 -4.60
CA ILE A 34 7.70 2.64 -3.75
C ILE A 34 7.21 1.57 -4.63
N ASP A 35 7.70 0.38 -4.46
CA ASP A 35 7.33 -0.71 -5.38
C ASP A 35 6.07 -1.40 -4.84
N GLY A 36 4.90 -1.25 -5.46
CA GLY A 36 3.74 -2.05 -5.02
C GLY A 36 3.27 -3.06 -6.05
N ASP A 37 4.20 -3.64 -6.81
CA ASP A 37 3.90 -4.61 -7.85
C ASP A 37 4.25 -5.99 -7.34
N PRO A 38 3.28 -6.90 -7.23
CA PRO A 38 3.62 -8.24 -6.70
C PRO A 38 4.93 -8.82 -7.37
N ASN A 39 5.26 -8.51 -8.62
CA ASN A 39 6.48 -9.13 -9.15
C ASN A 39 7.73 -8.45 -8.57
N ARG A 40 7.54 -7.24 -7.96
CA ARG A 40 8.62 -6.55 -7.29
C ARG A 40 9.80 -6.43 -8.32
N SER A 41 9.42 -6.21 -9.58
CA SER A 41 10.38 -6.08 -10.67
C SER A 41 11.19 -4.81 -10.45
N ALA A 42 10.56 -3.84 -9.79
CA ALA A 42 11.18 -2.52 -9.67
C ALA A 42 12.29 -2.58 -8.65
N THR A 43 12.00 -3.24 -7.50
CA THR A 43 12.94 -3.54 -6.42
C THR A 43 14.15 -4.27 -6.99
N GLY A 44 13.89 -5.05 -8.03
CA GLY A 44 14.88 -5.93 -8.63
C GLY A 44 15.64 -5.16 -9.69
N TRP A 45 14.94 -4.31 -10.42
CA TRP A 45 15.64 -3.40 -11.31
C TRP A 45 16.75 -2.64 -10.53
N GLY A 46 16.40 -2.22 -9.29
CA GLY A 46 17.33 -1.60 -8.33
C GLY A 46 18.63 -2.37 -7.98
N LYS A 47 18.47 -3.66 -7.61
CA LYS A 47 19.58 -4.50 -7.11
C LYS A 47 20.59 -4.77 -8.22
N ARG A 48 20.11 -5.23 -9.38
CA ARG A 48 20.90 -5.43 -10.65
C ARG A 48 22.03 -4.37 -10.97
N GLY A 49 21.72 -3.08 -10.78
CA GLY A 49 22.72 -1.99 -10.88
C GLY A 49 22.42 -0.85 -9.90
N SER A 50 22.60 0.40 -10.35
CA SER A 50 22.39 1.53 -9.44
C SER A 50 21.54 2.63 -10.09
N LEU A 51 20.31 2.77 -9.60
CA LEU A 51 19.44 3.80 -10.06
C LEU A 51 19.62 5.04 -9.17
N PRO A 52 19.37 6.23 -9.72
CA PRO A 52 19.59 7.49 -9.00
C PRO A 52 18.48 7.82 -8.06
N PHE A 53 17.80 6.83 -7.50
CA PHE A 53 16.81 7.09 -6.47
C PHE A 53 16.71 5.85 -5.63
N LYS A 54 16.09 5.99 -4.45
CA LYS A 54 15.90 4.92 -3.49
C LYS A 54 14.58 4.16 -3.77
N VAL A 55 14.67 2.83 -3.78
CA VAL A 55 13.52 1.93 -3.94
C VAL A 55 13.22 1.05 -2.71
N VAL A 56 12.02 1.22 -2.19
CA VAL A 56 11.59 0.49 -1.04
C VAL A 56 10.35 -0.37 -1.42
N ASP A 57 9.85 -1.21 -0.52
CA ASP A 57 8.74 -2.09 -0.79
C ASP A 57 7.51 -1.36 -0.30
N GLU A 58 6.35 -1.64 -0.86
CA GLU A 58 5.15 -0.90 -0.37
C GLU A 58 4.80 -1.05 1.12
N ARG A 59 5.27 -2.11 1.77
CA ARG A 59 5.08 -2.27 3.23
C ARG A 59 5.86 -1.22 3.98
N GLN A 60 6.87 -0.61 3.32
CA GLN A 60 7.71 0.45 3.88
C GLN A 60 7.33 1.91 3.45
N ALA A 61 6.26 2.03 2.73
CA ALA A 61 5.79 3.35 2.33
C ALA A 61 5.54 4.26 3.48
N ALA A 62 4.84 3.86 4.54
CA ALA A 62 4.68 4.78 5.71
C ALA A 62 5.99 5.21 6.37
N LYS A 63 6.96 4.31 6.41
CA LYS A 63 8.17 4.50 7.18
C LYS A 63 9.03 5.48 6.44
N TYR A 64 9.25 5.19 5.15
CA TYR A 64 10.11 5.98 4.24
C TYR A 64 9.57 7.24 3.57
N ALA A 65 8.25 7.42 3.48
CA ALA A 65 7.68 8.49 2.66
C ALA A 65 7.99 9.88 3.20
N PRO A 66 8.11 10.06 4.52
CA PRO A 66 8.26 11.41 5.04
C PRO A 66 9.67 11.91 4.84
N LYS A 67 10.57 11.03 4.50
CA LYS A 67 11.93 11.48 4.27
C LYS A 67 12.21 11.89 2.82
N TYR A 68 11.19 11.86 1.90
CA TYR A 68 11.41 12.17 0.46
C TYR A 68 10.59 13.28 -0.15
N GLN A 69 11.26 14.02 -1.04
CA GLN A 69 10.73 15.19 -1.68
C GLN A 69 9.77 14.78 -2.75
N ASN A 70 10.16 13.78 -3.54
CA ASN A 70 9.33 13.27 -4.59
C ASN A 70 9.02 11.78 -4.39
N ILE A 71 7.79 11.38 -4.62
CA ILE A 71 7.48 9.92 -4.53
C ILE A 71 6.85 9.47 -5.84
N VAL A 72 7.42 8.43 -6.46
CA VAL A 72 6.67 7.64 -7.47
C VAL A 72 6.25 6.30 -6.87
N ILE A 73 4.98 5.90 -7.03
CA ILE A 73 4.45 4.64 -6.53
C ILE A 73 4.22 3.80 -7.76
N ASP A 74 4.67 2.54 -7.81
CA ASP A 74 4.44 1.62 -8.96
C ASP A 74 3.49 0.53 -8.50
N THR A 75 2.24 0.58 -8.95
CA THR A 75 1.21 -0.35 -8.48
C THR A 75 0.27 -0.86 -9.58
N GLN A 76 -0.17 -2.08 -9.49
CA GLN A 76 -1.18 -2.52 -10.40
C GLN A 76 -2.55 -1.97 -9.83
N ALA A 77 -3.41 -1.45 -10.66
CA ALA A 77 -4.76 -0.98 -10.23
C ALA A 77 -5.55 -1.93 -9.36
N ARG A 78 -5.80 -3.15 -9.76
CA ARG A 78 -6.58 -4.03 -8.82
C ARG A 78 -8.02 -3.60 -8.36
N PRO A 79 -9.08 -4.04 -9.07
CA PRO A 79 -10.45 -3.57 -8.70
C PRO A 79 -10.84 -4.27 -7.39
N GLU A 80 -11.56 -3.53 -6.55
CA GLU A 80 -12.38 -4.18 -5.56
C GLU A 80 -13.65 -3.29 -5.45
N ASP A 81 -13.48 -1.95 -5.53
CA ASP A 81 -14.64 -0.98 -5.42
C ASP A 81 -14.47 0.30 -6.25
N GLU A 82 -14.03 1.32 -5.52
CA GLU A 82 -13.58 2.48 -6.17
C GLU A 82 -12.03 2.51 -5.85
N ASP A 83 -11.31 1.51 -6.34
CA ASP A 83 -9.87 1.66 -6.27
C ASP A 83 -9.32 2.91 -7.12
N LEU A 84 -10.07 3.36 -8.17
CA LEU A 84 -9.84 4.67 -8.82
C LEU A 84 -9.97 5.96 -7.96
N GLU A 85 -11.08 6.19 -7.27
CA GLU A 85 -11.15 7.40 -6.40
C GLU A 85 -9.93 7.58 -5.52
N ALA A 86 -9.61 6.56 -4.73
CA ALA A 86 -8.54 6.72 -3.81
C ALA A 86 -7.20 6.51 -4.41
N LEU A 87 -7.00 5.80 -5.55
CA LEU A 87 -5.64 5.91 -6.14
C LEU A 87 -5.35 7.38 -6.48
N ALA A 88 -6.38 8.11 -6.95
CA ALA A 88 -6.16 9.48 -7.35
C ALA A 88 -5.89 10.34 -6.15
N ASP A 89 -6.30 9.94 -4.94
CA ASP A 89 -6.16 10.86 -3.81
C ASP A 89 -4.86 10.74 -3.13
N GLY A 90 -4.22 9.58 -3.28
CA GLY A 90 -2.86 9.46 -2.86
C GLY A 90 -1.83 10.15 -3.72
N CYS A 91 -2.17 10.76 -4.84
CA CYS A 91 -1.12 11.39 -5.55
C CYS A 91 -1.45 12.70 -6.21
N ASP A 92 -0.44 13.45 -6.55
CA ASP A 92 -0.58 14.66 -7.32
C ASP A 92 -1.14 14.51 -8.76
N LEU A 93 -0.87 13.38 -9.45
CA LEU A 93 -1.41 13.01 -10.79
C LEU A 93 -1.37 11.48 -10.92
N LEU A 94 -2.42 10.82 -11.43
CA LEU A 94 -2.29 9.36 -11.60
C LEU A 94 -1.90 9.07 -13.01
N VAL A 95 -0.69 8.64 -13.23
CA VAL A 95 -0.28 8.30 -14.57
C VAL A 95 -0.73 6.91 -14.83
N ILE A 96 -1.34 6.69 -16.00
CA ILE A 96 -1.92 5.40 -16.32
C ILE A 96 -1.42 4.95 -17.69
N PRO A 97 -0.42 4.08 -17.72
CA PRO A 97 0.18 3.54 -18.95
C PRO A 97 -0.65 2.50 -19.66
N SER A 98 -0.68 2.53 -21.00
CA SER A 98 -1.24 1.46 -21.78
C SER A 98 -0.43 1.13 -23.07
N THR A 99 -0.41 -0.12 -23.53
CA THR A 99 0.17 -0.33 -24.88
C THR A 99 -0.98 -0.07 -25.87
N PRO A 100 -0.74 0.10 -27.18
CA PRO A 100 -1.83 0.38 -28.12
C PRO A 100 -2.61 -0.85 -28.60
N ASP A 101 -2.23 -2.06 -28.20
CA ASP A 101 -2.91 -3.25 -28.74
C ASP A 101 -4.39 -3.49 -28.22
N ALA A 102 -5.07 -4.39 -28.92
CA ALA A 102 -6.44 -4.84 -28.64
C ALA A 102 -6.72 -5.07 -27.16
N LEU A 103 -6.09 -6.08 -26.58
CA LEU A 103 -6.48 -6.42 -25.22
C LEU A 103 -5.95 -5.55 -24.18
N ALA A 104 -4.96 -4.73 -24.49
CA ALA A 104 -4.49 -3.76 -23.50
C ALA A 104 -5.56 -2.68 -23.41
N LEU A 105 -5.92 -2.08 -24.54
CA LEU A 105 -7.05 -1.15 -24.68
C LEU A 105 -8.35 -1.73 -24.18
N ASP A 106 -8.59 -2.98 -24.48
CA ASP A 106 -9.75 -3.65 -23.94
C ASP A 106 -9.77 -3.60 -22.44
N ALA A 107 -8.63 -3.71 -21.78
CA ALA A 107 -8.67 -3.64 -20.29
C ALA A 107 -8.90 -2.24 -19.82
N LEU A 108 -8.43 -1.31 -20.63
CA LEU A 108 -8.55 0.06 -20.36
C LEU A 108 -9.99 0.56 -20.53
N LEU A 110 -12.68 -1.25 -19.86
CA LEU A 110 -13.53 -1.66 -18.72
C LEU A 110 -13.70 -0.51 -17.76
N THR A 111 -12.61 0.24 -17.62
CA THR A 111 -12.62 1.28 -16.65
C THR A 111 -13.10 2.71 -17.06
N ILE A 112 -13.19 2.99 -18.36
CA ILE A 112 -13.38 4.34 -18.91
C ILE A 112 -14.56 5.04 -18.21
N GLU A 113 -15.52 4.27 -17.78
CA GLU A 113 -16.67 4.86 -17.19
C GLU A 113 -16.43 5.41 -15.79
N THR A 114 -15.55 4.76 -15.02
CA THR A 114 -15.14 5.21 -13.67
C THR A 114 -14.09 6.32 -13.79
N LEU A 115 -13.04 6.05 -14.57
CA LEU A 115 -12.19 7.10 -15.09
C LEU A 115 -12.88 8.38 -15.58
N GLN A 116 -13.99 8.30 -16.28
CA GLN A 116 -14.73 9.53 -16.59
C GLN A 116 -15.32 10.27 -15.39
N LYS A 117 -15.75 9.57 -14.32
CA LYS A 117 -16.22 10.17 -13.01
C LYS A 117 -15.09 10.92 -12.25
N LEU A 118 -13.85 10.66 -12.58
CA LEU A 118 -12.73 11.09 -11.76
C LEU A 118 -12.41 12.58 -11.80
N GLY A 119 -12.98 13.33 -12.76
CA GLY A 119 -12.54 14.72 -13.08
C GLY A 119 -11.28 14.60 -13.94
N ASN A 120 -10.80 15.72 -14.49
CA ASN A 120 -10.04 15.68 -15.77
C ASN A 120 -8.47 15.81 -15.64
N ASN A 121 -8.09 16.53 -14.59
CA ASN A 121 -6.67 16.74 -14.32
C ASN A 121 -6.28 16.02 -13.03
N ARG A 122 -6.95 14.90 -12.70
CA ARG A 122 -6.40 14.00 -11.67
C ARG A 122 -5.58 12.86 -12.24
N PHE A 123 -5.70 12.62 -13.56
CA PHE A 123 -4.99 11.50 -14.16
C PHE A 123 -4.76 11.83 -15.59
N ARG A 124 -3.95 10.99 -16.26
CA ARG A 124 -3.78 11.12 -17.65
C ARG A 124 -3.06 9.87 -18.17
N ILE A 125 -3.35 9.55 -19.41
CA ILE A 125 -3.13 8.27 -19.96
C ILE A 125 -1.94 8.41 -20.84
N LEU A 126 -0.96 7.53 -20.64
CA LEU A 126 0.29 7.53 -21.38
C LEU A 126 0.36 6.27 -22.30
N LEU A 127 0.45 6.46 -23.62
CA LEU A 127 0.54 5.35 -24.59
C LEU A 127 1.97 4.85 -24.61
N THR A 128 2.19 3.58 -24.28
CA THR A 128 3.61 3.08 -24.20
C THR A 128 3.96 1.93 -25.11
N ILE A 129 5.22 1.79 -25.42
CA ILE A 129 5.69 0.72 -26.30
C ILE A 129 4.93 0.79 -27.63
N ILE A 130 4.67 2.01 -28.11
CA ILE A 130 4.13 2.28 -29.46
C ILE A 130 5.11 1.65 -30.45
N PRO A 131 4.71 0.66 -31.24
CA PRO A 131 5.45 0.20 -32.42
C PRO A 131 5.85 1.32 -33.41
N PRO A 132 6.98 1.14 -34.09
CA PRO A 132 7.62 2.18 -34.88
C PRO A 132 6.87 2.54 -36.16
N TYR A 133 7.28 3.66 -36.76
CA TYR A 133 6.55 4.32 -37.83
C TYR A 133 5.86 3.35 -38.79
N PRO A 134 6.57 2.39 -39.38
CA PRO A 134 5.91 1.38 -40.21
C PRO A 134 4.37 1.13 -39.85
N SER A 135 4.05 0.42 -38.74
CA SER A 135 2.65 0.15 -38.28
C SER A 135 2.00 1.28 -37.45
N LYS A 136 0.68 1.35 -37.40
CA LYS A 136 0.06 2.53 -36.78
C LYS A 136 -0.93 2.24 -35.60
N ASP A 137 -0.78 1.09 -34.93
CA ASP A 137 -1.39 0.90 -33.63
C ASP A 137 -1.44 2.22 -32.84
N GLY A 138 -0.27 2.85 -32.72
CA GLY A 138 -0.16 4.07 -31.92
C GLY A 138 -1.28 5.06 -32.12
N ASP A 139 -1.40 5.54 -33.35
CA ASP A 139 -2.38 6.62 -33.68
C ASP A 139 -3.82 6.19 -33.61
N GLU A 140 -4.10 4.91 -33.80
CA GLU A 140 -5.49 4.45 -33.65
C GLU A 140 -5.95 4.48 -32.18
N ALA A 141 -5.08 3.98 -31.29
CA ALA A 141 -5.33 3.97 -29.91
C ALA A 141 -5.58 5.40 -29.47
N ARG A 142 -4.77 6.36 -29.93
CA ARG A 142 -4.94 7.77 -29.60
C ARG A 142 -6.25 8.33 -30.14
N GLN A 143 -6.69 7.90 -31.33
CA GLN A 143 -8.00 8.31 -31.81
C GLN A 143 -9.10 7.76 -30.92
N LEU A 144 -8.85 6.56 -30.40
CA LEU A 144 -9.83 5.81 -29.64
C LEU A 144 -10.08 6.53 -28.34
N LEU A 145 -9.00 6.79 -27.66
CA LEU A 145 -9.11 7.44 -26.37
C LEU A 145 -9.56 8.93 -26.47
N THR A 146 -9.19 9.60 -27.58
CA THR A 146 -9.48 10.95 -27.78
C THR A 146 -10.97 11.00 -27.97
N THR A 147 -11.50 10.23 -28.91
CA THR A 147 -13.00 10.06 -29.01
C THR A 147 -13.80 9.73 -27.74
N ALA A 148 -13.29 8.84 -26.89
CA ALA A 148 -13.99 8.48 -25.65
C ALA A 148 -13.75 9.57 -24.61
N GLY A 149 -13.03 10.63 -25.00
CA GLY A 149 -12.77 11.79 -24.14
C GLY A 149 -11.79 11.71 -22.98
N LEU A 150 -10.78 10.82 -23.06
CA LEU A 150 -9.84 10.61 -21.97
C LEU A 150 -8.62 11.53 -22.23
N PRO A 151 -7.90 11.97 -21.18
CA PRO A 151 -6.76 12.86 -21.42
C PRO A 151 -5.52 12.02 -21.67
N LEU A 152 -4.68 12.49 -22.59
CA LEU A 152 -3.50 11.76 -22.88
C LEU A 152 -2.27 12.62 -22.88
N PHE A 153 -1.16 11.99 -22.57
CA PHE A 153 0.11 12.62 -22.71
C PHE A 153 0.29 12.92 -24.20
N LYS A 154 0.67 14.17 -24.51
CA LYS A 154 0.97 14.64 -25.89
C LYS A 154 1.78 13.57 -26.64
N ARG A 155 2.85 13.10 -26.03
CA ARG A 155 3.72 12.12 -26.68
C ARG A 155 3.54 10.76 -26.03
N GLY A 156 4.02 9.71 -26.70
CA GLY A 156 3.97 8.38 -26.13
C GLY A 156 5.35 7.75 -26.08
N ILE A 157 5.52 6.63 -25.38
CA ILE A 157 6.82 5.97 -25.40
C ILE A 157 6.99 5.03 -26.58
N LYS A 158 8.06 5.13 -27.36
CA LYS A 158 8.19 4.20 -28.50
C LYS A 158 8.76 2.85 -28.06
N ARG A 159 8.54 1.78 -28.82
CA ARG A 159 9.22 0.54 -28.46
C ARG A 159 10.67 0.70 -28.89
N TYR A 160 11.60 0.70 -27.93
CA TYR A 160 13.04 0.70 -28.28
C TYR A 160 13.56 -0.45 -27.55
N SER A 161 14.31 -1.26 -28.26
CA SER A 161 14.92 -2.41 -27.67
C SER A 161 15.73 -1.95 -26.43
N ALA A 162 16.36 -0.78 -26.50
CA ALA A 162 17.06 -0.17 -25.35
C ALA A 162 16.39 -0.27 -23.95
N PHE A 163 15.06 -0.05 -23.88
CA PHE A 163 14.36 -0.15 -22.62
C PHE A 163 14.61 -1.45 -21.93
N GLN A 164 14.84 -2.46 -22.73
CA GLN A 164 15.09 -3.78 -22.23
C GLN A 164 16.46 -3.94 -21.61
N LYS A 165 17.48 -3.44 -22.33
CA LYS A 165 18.89 -3.44 -21.86
C LYS A 165 18.92 -2.72 -20.53
N ALA A 166 18.18 -1.59 -20.45
CA ALA A 166 18.08 -0.80 -19.22
C ALA A 166 17.61 -1.71 -18.09
N SER A 167 16.62 -2.54 -18.37
CA SER A 167 16.17 -3.56 -17.41
C SER A 167 17.30 -4.59 -16.98
N LEU A 168 17.82 -5.34 -17.93
CA LEU A 168 18.77 -6.36 -17.50
C LEU A 168 20.02 -5.77 -16.76
N ASN A 169 20.60 -4.66 -17.23
CA ASN A 169 21.68 -3.94 -16.49
C ASN A 169 21.22 -3.05 -15.30
N GLY A 170 19.94 -2.71 -15.18
CA GLY A 170 19.49 -2.09 -13.92
C GLY A 170 19.86 -0.62 -13.74
N VAL A 171 19.74 0.10 -14.85
CA VAL A 171 20.28 1.43 -15.04
C VAL A 171 19.23 2.11 -15.85
N VAL A 172 19.21 3.44 -15.91
CA VAL A 172 18.03 4.04 -16.58
C VAL A 172 18.41 4.08 -18.07
N VAL A 173 17.42 4.12 -18.95
CA VAL A 173 17.63 3.87 -20.34
C VAL A 173 18.79 4.67 -20.98
N SER A 174 19.25 5.77 -20.38
CA SER A 174 20.27 6.61 -21.04
C SER A 174 21.62 6.02 -20.81
N GLU A 175 21.76 5.32 -19.68
CA GLU A 175 23.04 4.84 -19.24
C GLU A 175 23.42 3.67 -20.12
N VAL A 176 22.40 3.18 -20.87
CA VAL A 176 22.46 1.94 -21.64
C VAL A 176 23.42 2.00 -22.85
N SER A 177 23.98 0.85 -23.22
CA SER A 177 24.86 0.87 -24.38
C SER A 177 24.11 0.59 -25.72
N ASP A 178 23.68 1.67 -26.38
CA ASP A 178 22.69 1.62 -27.47
C ASP A 178 22.54 2.99 -28.19
N SER A 179 22.33 2.88 -29.50
CA SER A 179 22.32 4.01 -30.46
C SER A 179 21.17 5.01 -30.24
N LYS A 180 20.06 4.55 -29.69
CA LYS A 180 18.98 5.48 -29.40
C LYS A 180 18.58 5.48 -27.93
N ALA A 181 19.56 5.18 -27.07
CA ALA A 181 19.52 5.48 -25.64
C ALA A 181 18.94 6.87 -25.44
N GLY A 182 19.63 7.91 -25.90
CA GLY A 182 19.11 9.28 -25.95
C GLY A 182 17.69 9.43 -26.43
N ILE A 183 17.41 9.11 -27.70
CA ILE A 183 16.04 9.32 -28.23
C ILE A 183 14.92 8.69 -27.36
N ALA A 184 15.27 7.63 -26.65
CA ALA A 184 14.37 6.84 -25.82
C ALA A 184 14.17 7.48 -24.45
N TRP A 185 15.20 8.18 -23.98
CA TRP A 185 15.09 8.87 -22.72
C TRP A 185 14.32 10.18 -22.87
N SER A 186 14.39 10.79 -24.06
CA SER A 186 13.79 12.10 -24.30
C SER A 186 12.31 11.90 -24.31
N ASP A 187 11.89 10.73 -24.75
CA ASP A 187 10.53 10.27 -24.49
C ASP A 187 10.06 10.37 -22.99
N TYR A 188 10.90 9.93 -22.05
CA TYR A 188 10.52 10.04 -20.64
C TYR A 188 10.67 11.45 -20.12
N LYS A 189 11.70 12.18 -20.55
CA LYS A 189 11.88 13.59 -20.27
C LYS A 189 10.66 14.38 -20.67
N ALA A 190 10.12 14.15 -21.85
CA ALA A 190 8.90 14.84 -22.28
C ALA A 190 7.70 14.47 -21.43
N THR A 191 7.51 13.18 -21.25
CA THR A 191 6.53 12.77 -20.23
C THR A 191 6.71 13.46 -18.86
N GLY A 192 7.93 13.55 -18.35
CA GLY A 192 8.13 14.10 -17.02
C GLY A 192 7.78 15.54 -16.99
N LYS A 193 8.27 16.32 -17.96
CA LYS A 193 8.01 17.71 -18.06
C LYS A 193 6.51 18.00 -18.13
N GLU A 194 5.75 17.14 -18.73
CA GLU A 194 4.37 17.42 -18.86
C GLU A 194 3.62 17.12 -17.52
N ILE A 195 4.19 16.16 -16.77
CA ILE A 195 3.67 15.92 -15.40
C ILE A 195 3.88 17.10 -14.49
N VAL A 196 5.17 17.49 -14.38
CA VAL A 196 5.54 18.52 -13.47
C VAL A 196 4.76 19.77 -13.79
N GLU A 197 4.58 20.06 -15.08
CA GLU A 197 3.75 21.19 -15.55
C GLU A 197 2.28 21.07 -15.22
N GLU A 198 1.71 19.90 -15.40
CA GLU A 198 0.33 19.77 -15.02
C GLU A 198 0.16 20.06 -13.49
N ILE A 199 1.02 19.50 -12.60
CA ILE A 199 0.78 19.62 -11.15
C ILE A 199 0.79 21.09 -10.74
N LEU A 200 1.49 21.91 -11.50
CA LEU A 200 1.69 23.25 -11.13
C LEU A 200 0.73 24.34 -11.77
N THR A 201 -0.54 24.06 -12.09
CA THR A 201 -1.48 25.12 -12.55
C THR A 201 -2.62 25.46 -11.51
N LEU A 202 -3.42 26.53 -11.64
CA LEU A 202 -4.53 26.69 -10.59
C LEU A 202 -5.69 25.80 -10.91
N GLU A 203 -5.72 25.33 -12.16
CA GLU A 203 -6.77 24.45 -12.62
C GLU A 203 -6.52 23.13 -11.94
N HIS A 204 -5.24 22.82 -11.73
CA HIS A 204 -4.89 21.45 -11.35
C HIS A 204 -5.56 21.00 -10.10
N HIS A 205 -5.57 21.87 -9.10
CA HIS A 205 -6.05 21.57 -7.77
C HIS A 205 -7.52 21.99 -7.66
N HIS A 206 -8.14 22.45 -8.74
CA HIS A 206 -9.59 22.70 -8.70
C HIS A 206 -10.41 21.42 -8.94
N ILE B 2 5.17 3.48 14.38
CA ILE B 2 4.45 2.65 13.42
C ILE B 2 4.34 1.24 13.97
N ILE B 3 3.11 0.75 14.01
CA ILE B 3 2.83 -0.63 14.33
C ILE B 3 1.96 -1.13 13.20
N THR B 4 2.36 -2.30 12.70
CA THR B 4 1.61 -3.06 11.75
C THR B 4 0.94 -4.24 12.41
N VAL B 5 -0.35 -4.40 12.11
CA VAL B 5 -1.14 -5.57 12.59
C VAL B 5 -1.27 -6.43 11.39
N ALA B 6 -0.59 -7.58 11.37
CA ALA B 6 -0.61 -8.48 10.20
C ALA B 6 -0.92 -9.93 10.56
N SER B 7 -1.77 -10.60 9.79
CA SER B 7 -2.42 -11.93 10.25
C SER B 7 -2.42 -12.98 9.19
N PHE B 8 -2.52 -14.23 9.58
CA PHE B 8 -2.32 -15.31 8.59
C PHE B 8 -3.57 -15.96 8.12
N LYS B 9 -4.70 -15.47 8.55
CA LYS B 9 -5.99 -16.09 8.30
C LYS B 9 -6.96 -15.03 8.61
N GLY B 10 -8.09 -15.09 7.93
CA GLY B 10 -9.13 -14.06 8.08
C GLY B 10 -9.94 -14.44 9.27
N GLY B 11 -10.42 -13.44 10.01
CA GLY B 11 -11.47 -13.59 11.05
C GLY B 11 -10.76 -13.81 12.35
N VAL B 12 -9.54 -13.36 12.44
CA VAL B 12 -8.58 -13.27 13.54
C VAL B 12 -8.93 -12.13 14.48
N GLY B 13 -9.70 -11.14 14.10
CA GLY B 13 -9.85 -9.89 14.83
C GLY B 13 -8.77 -8.87 14.43
N LYS B 14 -7.91 -9.17 13.44
CA LYS B 14 -6.93 -8.15 12.88
C LYS B 14 -7.43 -6.69 12.68
N THR B 15 -8.51 -6.50 11.97
CA THR B 15 -8.99 -5.12 11.77
C THR B 15 -9.35 -4.52 13.11
N THR B 16 -10.08 -5.29 13.95
CA THR B 16 -10.61 -4.78 15.20
C THR B 16 -9.42 -4.36 16.06
N THR B 17 -8.29 -5.11 15.94
CA THR B 17 -7.20 -4.70 16.77
C THR B 17 -6.54 -3.43 16.29
N ALA B 18 -6.43 -3.31 14.98
CA ALA B 18 -5.85 -2.12 14.39
C ALA B 18 -6.73 -0.97 14.81
N VAL B 19 -8.01 -1.13 14.77
CA VAL B 19 -8.89 0.03 15.21
C VAL B 19 -8.64 0.31 16.72
N HIS B 20 -8.52 -0.74 17.51
CA HIS B 20 -8.40 -0.46 18.91
C HIS B 20 -7.05 -0.01 19.35
N LEU B 21 -6.04 -0.46 18.61
CA LEU B 21 -4.72 -0.04 18.82
C LEU B 21 -4.56 1.41 18.37
N SER B 22 -5.30 1.86 17.35
CA SER B 22 -5.23 3.26 16.94
C SER B 22 -6.05 4.13 17.89
N ALA B 23 -7.10 3.60 18.50
CA ALA B 23 -7.89 4.49 19.38
C ALA B 23 -7.07 4.72 20.60
N TYR B 24 -6.21 3.75 20.93
CA TYR B 24 -5.35 3.85 22.09
C TYR B 24 -4.33 4.94 21.83
N LEU B 25 -3.48 4.72 20.83
CA LEU B 25 -2.47 5.72 20.47
C LEU B 25 -3.08 7.15 20.32
N ALA B 26 -4.32 7.29 19.82
CA ALA B 26 -5.01 8.63 19.68
C ALA B 26 -5.02 9.45 20.92
N LEU B 27 -5.21 8.80 22.06
CA LEU B 27 -5.19 9.39 23.39
C LEU B 27 -3.83 10.05 23.71
N GLN B 28 -2.78 9.57 23.04
CA GLN B 28 -1.45 10.09 23.29
C GLN B 28 -0.89 11.00 22.18
N GLY B 29 -1.35 10.82 20.97
CA GLY B 29 -0.83 11.62 19.86
C GLY B 29 -1.66 11.44 18.62
N GLU B 30 -1.40 12.19 17.55
CA GLU B 30 -2.23 12.15 16.37
C GLU B 30 -1.85 11.01 15.48
N THR B 31 -2.88 10.29 15.02
CA THR B 31 -2.75 8.91 14.64
C THR B 31 -3.48 8.76 13.35
N LEU B 32 -2.85 8.02 12.45
CA LEU B 32 -3.44 7.64 11.20
C LEU B 32 -3.72 6.14 11.26
N LEU B 33 -4.90 5.67 10.87
CA LEU B 33 -5.00 4.21 10.56
C LEU B 33 -5.06 4.07 9.03
N ILE B 34 -4.00 3.47 8.48
CA ILE B 34 -3.93 2.97 7.08
C ILE B 34 -4.50 1.50 6.78
N ASP B 35 -5.34 1.42 5.75
CA ASP B 35 -6.22 0.26 5.47
C ASP B 35 -5.65 -0.47 4.27
N GLY B 36 -5.03 -1.63 4.48
CA GLY B 36 -4.40 -2.42 3.39
C GLY B 36 -5.07 -3.75 3.34
N ASP B 37 -6.32 -3.77 3.84
CA ASP B 37 -7.05 -5.00 3.95
C ASP B 37 -7.91 -4.98 2.71
N PRO B 38 -7.80 -6.01 1.86
CA PRO B 38 -8.53 -5.95 0.64
C PRO B 38 -9.97 -5.69 0.94
N ASN B 39 -10.51 -6.16 2.03
CA ASN B 39 -11.97 -5.87 2.25
C ASN B 39 -12.25 -4.47 2.72
N ARG B 40 -11.24 -3.66 2.96
CA ARG B 40 -11.52 -2.35 3.51
C ARG B 40 -12.51 -2.25 4.69
N SER B 41 -12.53 -3.26 5.57
CA SER B 41 -13.40 -3.32 6.72
C SER B 41 -13.12 -2.10 7.58
N ALA B 42 -11.85 -1.78 7.76
CA ALA B 42 -11.57 -0.53 8.47
C ALA B 42 -12.25 0.74 7.96
N THR B 43 -12.36 0.94 6.63
CA THR B 43 -12.94 2.16 6.10
C THR B 43 -14.46 2.16 6.39
N GLY B 44 -15.06 0.98 6.32
CA GLY B 44 -16.46 0.94 6.62
C GLY B 44 -16.61 1.40 8.02
N TRP B 45 -15.76 0.86 8.88
CA TRP B 45 -15.94 1.07 10.29
C TRP B 45 -15.95 2.60 10.62
N GLY B 46 -14.99 3.34 10.05
CA GLY B 46 -14.95 4.79 10.22
C GLY B 46 -16.20 5.47 9.65
N LYS B 47 -16.67 5.00 8.49
CA LYS B 47 -17.82 5.71 7.87
C LYS B 47 -19.13 5.53 8.70
N ARG B 48 -19.21 4.40 9.39
CA ARG B 48 -20.48 3.89 9.88
C ARG B 48 -20.98 4.66 11.09
N GLY B 49 -20.09 5.46 11.66
CA GLY B 49 -20.27 6.18 12.94
C GLY B 49 -19.03 7.06 12.99
N SER B 50 -18.26 7.12 14.10
CA SER B 50 -16.99 7.90 14.07
C SER B 50 -15.88 7.43 15.04
N LEU B 51 -14.72 8.06 14.88
CA LEU B 51 -13.49 7.38 15.35
C LEU B 51 -12.44 8.42 15.54
N PRO B 52 -11.68 8.32 16.64
CA PRO B 52 -10.85 9.46 17.06
C PRO B 52 -9.53 9.48 16.28
N PHE B 53 -9.54 8.98 15.04
CA PHE B 53 -8.42 9.17 14.15
C PHE B 53 -8.86 9.11 12.67
N LYS B 54 -8.24 9.89 11.77
CA LYS B 54 -8.34 9.64 10.33
C LYS B 54 -7.94 8.19 9.87
N VAL B 55 -8.72 7.68 8.92
CA VAL B 55 -8.43 6.43 8.31
C VAL B 55 -8.36 6.70 6.84
N VAL B 56 -7.29 6.16 6.25
CA VAL B 56 -7.05 6.30 4.84
C VAL B 56 -6.64 4.96 4.20
N ASP B 57 -6.59 4.96 2.89
CA ASP B 57 -6.47 3.77 2.20
C ASP B 57 -4.99 3.58 2.04
N GLU B 58 -4.59 2.36 1.98
CA GLU B 58 -3.23 2.02 1.74
C GLU B 58 -2.67 2.83 0.59
N ARG B 59 -3.51 3.24 -0.36
CA ARG B 59 -2.97 3.92 -1.56
C ARG B 59 -2.60 5.34 -1.22
N GLN B 60 -2.87 5.77 0.06
CA GLN B 60 -2.82 7.17 0.45
C GLN B 60 -1.83 7.20 1.53
N ALA B 61 -1.06 6.14 1.57
CA ALA B 61 -0.18 5.95 2.75
C ALA B 61 0.94 6.95 2.59
N ALA B 62 1.44 7.08 1.36
CA ALA B 62 2.64 7.92 1.19
C ALA B 62 2.25 9.40 1.34
N LYS B 63 1.10 9.77 0.81
CA LYS B 63 0.61 11.13 0.95
C LYS B 63 0.41 11.45 2.42
N TYR B 64 -0.40 10.70 3.19
CA TYR B 64 -0.75 11.13 4.58
C TYR B 64 0.27 10.78 5.68
N ALA B 65 1.06 9.72 5.51
CA ALA B 65 2.09 9.31 6.52
C ALA B 65 3.00 10.37 7.14
N PRO B 66 3.53 11.31 6.37
CA PRO B 66 4.27 12.44 6.96
C PRO B 66 3.44 13.34 7.85
N LYS B 67 2.12 13.23 7.89
CA LYS B 67 1.37 14.19 8.74
C LYS B 67 1.17 13.76 10.25
N TYR B 68 1.58 12.55 10.59
CA TYR B 68 1.05 11.89 11.84
C TYR B 68 2.16 11.41 12.73
N GLN B 69 2.11 11.63 14.03
CA GLN B 69 3.19 10.99 14.80
C GLN B 69 2.90 9.49 15.04
N ASN B 70 1.62 9.07 15.02
CA ASN B 70 1.25 7.60 15.20
C ASN B 70 0.53 6.94 13.95
N ILE B 71 1.07 5.78 13.52
CA ILE B 71 0.61 5.07 12.36
C ILE B 71 0.36 3.63 12.69
N VAL B 72 -0.82 3.16 12.33
CA VAL B 72 -1.17 1.80 12.57
C VAL B 72 -1.51 1.32 11.19
N ILE B 73 -0.87 0.25 10.76
CA ILE B 73 -1.11 -0.27 9.45
C ILE B 73 -1.89 -1.59 9.56
N ASP B 74 -3.11 -1.67 8.95
CA ASP B 74 -3.95 -2.88 8.91
C ASP B 74 -3.73 -3.70 7.67
N THR B 75 -3.18 -4.87 7.75
CA THR B 75 -2.92 -5.62 6.49
C THR B 75 -2.80 -7.14 6.57
N GLN B 76 -3.00 -7.79 5.47
CA GLN B 76 -3.05 -9.24 5.44
C GLN B 76 -1.66 -9.85 5.30
N ALA B 77 -1.14 -10.72 6.17
CA ALA B 77 0.21 -11.33 5.81
C ALA B 77 0.17 -12.04 4.45
N ARG B 78 0.87 -11.50 3.45
CA ARG B 78 0.95 -12.11 2.07
C ARG B 78 1.90 -13.31 1.90
N ASP B 83 8.73 -12.22 2.71
CA ASP B 83 7.61 -11.22 2.92
C ASP B 83 7.14 -10.77 4.36
N LEU B 84 7.24 -11.65 5.33
CA LEU B 84 7.18 -11.25 6.71
C LEU B 84 8.41 -10.35 7.02
N GLU B 85 9.48 -10.50 6.23
CA GLU B 85 10.63 -9.58 6.30
C GLU B 85 10.20 -8.11 6.01
N ALA B 86 9.46 -7.95 4.92
CA ALA B 86 9.03 -6.62 4.49
C ALA B 86 8.10 -5.91 5.50
N LEU B 87 7.22 -6.64 6.18
CA LEU B 87 6.31 -5.97 7.12
C LEU B 87 7.01 -5.41 8.32
N ALA B 88 8.06 -6.14 8.75
CA ALA B 88 8.81 -5.84 9.96
C ALA B 88 9.62 -4.64 9.63
N ASP B 89 10.35 -4.71 8.51
CA ASP B 89 11.19 -3.57 8.28
C ASP B 89 10.43 -2.27 8.18
N GLY B 90 9.13 -2.32 7.86
CA GLY B 90 8.25 -1.08 7.77
C GLY B 90 7.64 -0.48 9.03
N CYS B 91 7.97 -1.07 10.19
CA CYS B 91 7.39 -0.61 11.42
C CYS B 91 8.32 -0.78 12.64
N ASP B 92 7.88 -0.22 13.77
CA ASP B 92 8.52 -0.41 15.05
C ASP B 92 8.11 -1.69 15.76
N LEU B 93 6.89 -2.13 15.62
CA LEU B 93 6.47 -3.40 16.19
C LEU B 93 5.47 -4.07 15.25
N LEU B 94 5.75 -5.31 14.84
CA LEU B 94 4.76 -6.11 14.10
C LEU B 94 3.84 -6.92 15.06
N VAL B 95 2.55 -6.58 15.16
CA VAL B 95 1.64 -7.33 16.05
C VAL B 95 0.90 -8.38 15.22
N ILE B 96 0.88 -9.68 15.58
CA ILE B 96 0.20 -10.69 14.78
C ILE B 96 -0.93 -11.26 15.57
N PRO B 97 -2.17 -10.93 15.26
CA PRO B 97 -3.29 -11.47 16.07
C PRO B 97 -3.56 -12.87 15.72
N SER B 98 -3.95 -13.70 16.69
CA SER B 98 -4.35 -15.05 16.33
C SER B 98 -5.48 -15.53 17.20
N THR B 99 -6.38 -16.29 16.65
CA THR B 99 -7.41 -16.70 17.57
C THR B 99 -6.87 -17.98 18.12
N PRO B 100 -7.47 -18.44 19.24
CA PRO B 100 -6.99 -19.64 19.97
C PRO B 100 -7.13 -20.99 19.26
N ASP B 101 -7.99 -21.10 18.28
CA ASP B 101 -8.31 -22.43 17.65
C ASP B 101 -7.23 -23.08 16.80
N ALA B 102 -7.26 -24.41 16.76
CA ALA B 102 -6.26 -25.21 16.06
C ALA B 102 -6.09 -24.77 14.61
N LEU B 103 -7.21 -24.45 13.97
CA LEU B 103 -7.20 -24.08 12.57
C LEU B 103 -6.44 -22.77 12.42
N ALA B 104 -6.72 -21.77 13.25
CA ALA B 104 -6.06 -20.48 13.07
C ALA B 104 -4.57 -20.55 13.45
N LEU B 105 -4.30 -21.24 14.55
CA LEU B 105 -2.96 -21.39 15.08
C LEU B 105 -2.05 -22.18 14.16
N ASP B 106 -2.62 -23.14 13.43
CA ASP B 106 -1.85 -23.88 12.45
C ASP B 106 -1.49 -22.96 11.31
N ALA B 107 -2.44 -22.15 10.87
CA ALA B 107 -2.08 -21.20 9.88
C ALA B 107 -0.91 -20.41 10.42
N LEU B 108 -0.78 -20.27 11.75
CA LEU B 108 0.31 -19.45 12.26
C LEU B 108 1.61 -20.28 12.24
N LEU B 110 2.62 -23.05 10.32
CA LEU B 110 3.27 -23.28 9.01
C LEU B 110 4.29 -22.13 8.81
N THR B 111 3.93 -20.93 9.26
CA THR B 111 4.86 -19.86 9.15
C THR B 111 6.01 -19.85 10.20
N ILE B 112 5.97 -20.70 11.22
CA ILE B 112 7.04 -20.67 12.25
C ILE B 112 8.49 -20.42 11.81
N GLU B 113 8.79 -20.85 10.60
CA GLU B 113 10.20 -20.93 10.21
C GLU B 113 10.76 -19.53 9.85
N THR B 114 9.92 -18.76 9.15
CA THR B 114 10.16 -17.37 8.82
C THR B 114 10.18 -16.55 10.09
N LEU B 115 9.19 -16.78 10.98
CA LEU B 115 9.02 -16.02 12.22
C LEU B 115 10.25 -16.22 13.12
N GLN B 116 10.77 -17.43 13.21
CA GLN B 116 11.91 -17.58 14.06
C GLN B 116 12.98 -16.72 13.47
N LYS B 117 13.35 -17.11 12.27
CA LYS B 117 14.57 -16.60 11.67
C LYS B 117 14.38 -15.18 11.32
N LEU B 118 13.87 -14.39 12.27
CA LEU B 118 13.33 -13.05 11.96
C LEU B 118 13.68 -12.01 12.96
N GLY B 119 13.58 -12.35 14.24
CA GLY B 119 13.97 -11.44 15.30
C GLY B 119 13.01 -11.41 16.47
N ASN B 120 13.58 -11.47 17.67
CA ASN B 120 12.85 -11.67 18.92
C ASN B 120 11.85 -10.49 19.18
N ASN B 121 12.39 -9.26 19.22
CA ASN B 121 11.60 -8.14 19.71
C ASN B 121 11.19 -7.27 18.54
N ARG B 122 10.94 -7.89 17.40
CA ARG B 122 10.48 -7.19 16.22
C ARG B 122 8.95 -7.37 15.99
N PHE B 123 8.42 -8.47 16.54
CA PHE B 123 7.01 -8.76 16.50
C PHE B 123 6.57 -9.38 17.78
N ARG B 124 5.30 -9.75 17.82
CA ARG B 124 4.70 -10.18 19.06
C ARG B 124 3.31 -10.69 18.74
N ILE B 125 2.95 -11.86 19.27
CA ILE B 125 1.66 -12.45 18.90
C ILE B 125 0.53 -12.05 19.92
N LEU B 126 -0.62 -11.58 19.46
CA LEU B 126 -1.72 -11.21 20.37
C LEU B 126 -2.79 -12.24 20.18
N LEU B 127 -3.14 -13.01 21.20
CA LEU B 127 -4.26 -13.94 21.12
C LEU B 127 -5.55 -13.17 21.23
N THR B 128 -6.41 -13.40 20.26
CA THR B 128 -7.66 -12.70 20.20
C THR B 128 -8.84 -13.64 20.20
N ILE B 129 -9.97 -13.01 20.38
CA ILE B 129 -11.28 -13.58 20.42
C ILE B 129 -11.40 -14.72 21.37
N ILE B 130 -10.73 -14.61 22.52
CA ILE B 130 -10.66 -15.72 23.49
C ILE B 130 -11.99 -16.10 24.12
N PRO B 131 -12.41 -17.35 23.99
CA PRO B 131 -13.63 -17.81 24.62
C PRO B 131 -13.66 -17.48 26.14
N PRO B 132 -14.75 -16.97 26.76
CA PRO B 132 -14.76 -16.69 28.24
C PRO B 132 -14.49 -17.93 29.20
N TYR B 133 -14.33 -17.62 30.50
CA TYR B 133 -13.68 -18.49 31.52
C TYR B 133 -14.18 -19.87 31.55
N PRO B 134 -15.46 -20.14 31.57
CA PRO B 134 -15.72 -21.58 31.77
C PRO B 134 -14.76 -22.47 30.81
N SER B 135 -13.96 -21.86 29.90
CA SER B 135 -13.22 -22.45 28.72
C SER B 135 -11.71 -22.20 28.71
N LYS B 136 -10.93 -23.18 28.24
CA LYS B 136 -9.52 -23.06 28.43
C LYS B 136 -8.74 -22.95 27.16
N ASP B 137 -9.41 -22.52 26.11
CA ASP B 137 -8.76 -22.40 24.76
C ASP B 137 -7.62 -21.38 24.84
N GLY B 138 -7.88 -20.29 25.57
CA GLY B 138 -6.90 -19.30 25.90
C GLY B 138 -5.56 -19.89 26.34
N ASP B 139 -5.50 -20.47 27.51
CA ASP B 139 -4.22 -20.97 27.99
C ASP B 139 -3.55 -21.99 27.16
N GLU B 140 -4.32 -22.86 26.53
CA GLU B 140 -3.69 -23.97 25.84
C GLU B 140 -2.93 -23.39 24.62
N ALA B 141 -3.55 -22.38 23.96
CA ALA B 141 -2.90 -21.66 22.90
C ALA B 141 -1.63 -21.00 23.46
N ARG B 142 -1.76 -20.11 24.44
CA ARG B 142 -0.55 -19.58 25.06
C ARG B 142 0.55 -20.63 25.16
N GLN B 143 0.32 -21.74 25.85
CA GLN B 143 1.42 -22.72 26.01
C GLN B 143 2.01 -23.26 24.69
N LEU B 144 1.18 -23.56 23.70
CA LEU B 144 1.66 -24.00 22.43
C LEU B 144 2.70 -23.03 21.85
N LEU B 145 2.37 -21.75 21.83
CA LEU B 145 3.28 -20.78 21.24
C LEU B 145 4.47 -20.52 22.17
N THR B 146 4.28 -20.68 23.48
CA THR B 146 5.34 -20.39 24.39
C THR B 146 6.30 -21.56 24.12
N THR B 147 5.83 -22.79 24.30
CA THR B 147 6.55 -24.01 23.91
C THR B 147 7.30 -23.80 22.57
N ALA B 148 6.65 -23.08 21.69
CA ALA B 148 7.30 -22.78 20.43
C ALA B 148 8.37 -21.64 20.46
N GLY B 149 8.67 -21.05 21.62
CA GLY B 149 9.69 -19.98 21.73
C GLY B 149 9.31 -18.77 20.87
N LEU B 150 8.08 -18.32 21.01
CA LEU B 150 7.50 -17.42 20.05
C LEU B 150 6.85 -16.33 20.91
N PRO B 151 7.27 -15.11 20.71
CA PRO B 151 7.05 -14.08 21.70
C PRO B 151 5.61 -13.62 21.69
N LEU B 152 5.07 -13.35 22.87
CA LEU B 152 3.65 -13.12 23.09
C LEU B 152 3.37 -11.99 24.06
N PHE B 153 2.22 -11.38 23.87
CA PHE B 153 1.78 -10.34 24.77
C PHE B 153 1.31 -10.88 26.13
N LYS B 154 1.82 -10.37 27.26
CA LYS B 154 1.24 -10.68 28.59
C LYS B 154 -0.26 -11.00 28.41
N ARG B 155 -1.08 -10.10 27.83
CA ARG B 155 -2.54 -10.28 27.79
C ARG B 155 -3.14 -10.74 26.46
N GLY B 156 -4.41 -11.17 26.52
CA GLY B 156 -5.18 -11.45 25.32
C GLY B 156 -6.46 -10.67 25.20
N ILE B 157 -7.05 -10.67 24.01
CA ILE B 157 -8.29 -9.93 23.79
C ILE B 157 -9.46 -10.94 23.94
N LYS B 158 -10.26 -10.80 24.98
CA LYS B 158 -11.23 -11.84 25.18
C LYS B 158 -12.32 -11.59 24.17
N ARG B 159 -13.06 -12.66 23.87
CA ARG B 159 -14.27 -12.52 23.03
C ARG B 159 -15.47 -11.77 23.69
N TYR B 160 -15.89 -10.61 23.19
CA TYR B 160 -17.24 -10.01 23.58
C TYR B 160 -18.15 -9.49 22.45
N SER B 161 -19.44 -9.65 22.61
CA SER B 161 -20.44 -9.01 21.77
C SER B 161 -20.19 -7.56 21.58
N ALA B 162 -19.56 -6.94 22.57
CA ALA B 162 -19.42 -5.52 22.55
C ALA B 162 -18.65 -5.05 21.30
N PHE B 163 -17.68 -5.85 20.91
CA PHE B 163 -16.78 -5.50 19.87
C PHE B 163 -17.48 -5.51 18.51
N GLN B 164 -18.49 -6.37 18.44
CA GLN B 164 -19.39 -6.46 17.30
C GLN B 164 -20.25 -5.25 17.18
N LYS B 165 -20.93 -4.93 18.28
CA LYS B 165 -21.94 -3.90 18.29
C LYS B 165 -21.14 -2.68 17.80
N ALA B 166 -19.81 -2.77 18.03
CA ALA B 166 -18.92 -1.62 17.76
C ALA B 166 -18.50 -1.52 16.29
N SER B 167 -18.35 -2.66 15.63
CA SER B 167 -18.14 -2.67 14.20
C SER B 167 -19.41 -2.01 13.67
N LEU B 168 -20.56 -2.58 14.03
CA LEU B 168 -21.90 -2.12 13.58
C LEU B 168 -22.23 -0.65 13.73
N ASN B 169 -21.89 -0.08 14.88
CA ASN B 169 -22.19 1.30 15.13
C ASN B 169 -21.05 2.21 14.74
N GLY B 170 -19.96 1.61 14.31
CA GLY B 170 -18.90 2.39 13.70
C GLY B 170 -18.19 3.21 14.74
N VAL B 171 -18.24 2.77 16.01
CA VAL B 171 -17.48 3.41 17.12
C VAL B 171 -16.40 2.50 17.72
N VAL B 172 -15.59 3.02 18.67
CA VAL B 172 -14.64 2.19 19.46
C VAL B 172 -15.50 1.53 20.54
N VAL B 173 -15.08 0.38 21.05
CA VAL B 173 -15.97 -0.38 21.99
C VAL B 173 -16.24 0.34 23.37
N SER B 174 -15.23 1.08 23.80
CA SER B 174 -15.34 1.94 24.94
C SER B 174 -16.65 2.71 24.86
N GLU B 175 -17.12 3.09 23.67
CA GLU B 175 -18.32 3.94 23.50
C GLU B 175 -19.63 3.22 23.38
N VAL B 176 -19.63 1.90 23.44
CA VAL B 176 -20.86 1.15 23.08
C VAL B 176 -21.74 0.84 24.26
N SER B 177 -23.05 0.71 23.99
CA SER B 177 -24.02 0.40 25.04
C SER B 177 -24.08 -1.11 25.33
N ASP B 178 -23.13 -1.55 26.15
CA ASP B 178 -23.00 -2.93 26.62
C ASP B 178 -22.26 -2.93 28.00
N SER B 179 -22.66 -3.82 28.92
CA SER B 179 -21.93 -3.95 30.21
C SER B 179 -20.47 -4.51 30.14
N LYS B 180 -20.06 -5.09 29.02
CA LYS B 180 -18.65 -5.46 28.86
C LYS B 180 -17.86 -4.37 28.08
N ALA B 181 -18.51 -3.28 27.67
CA ALA B 181 -17.72 -2.24 27.08
C ALA B 181 -16.36 -2.00 27.76
N GLY B 182 -16.36 -1.66 29.04
CA GLY B 182 -15.17 -1.23 29.75
C GLY B 182 -14.23 -2.44 29.79
N ILE B 183 -14.78 -3.62 30.04
CA ILE B 183 -13.87 -4.68 30.14
C ILE B 183 -13.22 -4.95 28.78
N ALA B 184 -14.04 -4.92 27.71
CA ALA B 184 -13.53 -5.07 26.34
C ALA B 184 -12.42 -4.02 26.01
N TRP B 185 -12.70 -2.76 26.36
CA TRP B 185 -11.69 -1.74 26.08
C TRP B 185 -10.34 -2.02 26.78
N SER B 186 -10.48 -2.49 28.02
CA SER B 186 -9.40 -2.70 28.95
C SER B 186 -8.41 -3.75 28.42
N ASP B 187 -8.95 -4.71 27.65
CA ASP B 187 -8.15 -5.71 26.97
C ASP B 187 -7.28 -5.01 25.98
N TYR B 188 -7.84 -4.07 25.25
CA TYR B 188 -6.98 -3.41 24.25
C TYR B 188 -6.04 -2.38 24.84
N LYS B 189 -6.57 -1.61 25.79
CA LYS B 189 -5.83 -0.62 26.55
C LYS B 189 -4.57 -1.27 27.14
N ALA B 190 -4.71 -2.48 27.70
CA ALA B 190 -3.58 -3.22 28.26
C ALA B 190 -2.57 -3.59 27.20
N THR B 191 -3.01 -4.00 26.01
CA THR B 191 -2.12 -4.23 24.90
C THR B 191 -1.42 -2.94 24.49
N GLY B 192 -2.15 -1.82 24.55
CA GLY B 192 -1.58 -0.54 24.16
C GLY B 192 -0.39 -0.36 25.05
N LYS B 193 -0.65 -0.65 26.31
CA LYS B 193 0.21 -0.21 27.35
C LYS B 193 1.56 -0.91 27.17
N GLU B 194 1.52 -2.20 26.95
CA GLU B 194 2.69 -3.02 26.75
C GLU B 194 3.46 -2.71 25.44
N ILE B 195 2.77 -2.31 24.35
CA ILE B 195 3.46 -1.84 23.11
C ILE B 195 4.24 -0.60 23.40
N VAL B 196 3.60 0.34 24.08
CA VAL B 196 4.24 1.63 24.32
C VAL B 196 5.38 1.42 25.31
N GLU B 197 5.19 0.58 26.34
CA GLU B 197 6.28 0.22 27.28
C GLU B 197 7.06 -1.12 26.89
N GLU B 198 7.11 -1.37 25.56
CA GLU B 198 7.86 -2.41 24.77
C GLU B 198 8.74 -1.63 23.73
N ILE B 199 8.13 -0.59 23.16
CA ILE B 199 8.68 0.19 22.03
C ILE B 199 9.52 1.41 22.41
N LEU B 200 9.27 1.94 23.61
CA LEU B 200 10.04 3.07 24.14
C LEU B 200 11.30 2.60 24.92
N THR B 201 11.27 1.35 25.37
CA THR B 201 12.47 0.56 25.68
C THR B 201 13.29 0.30 24.37
#